data_8ZNW
#
_entry.id   8ZNW
#
_cell.length_a   87.080
_cell.length_b   72.354
_cell.length_c   78.381
_cell.angle_alpha   90.00
_cell.angle_beta   108.14
_cell.angle_gamma   90.00
#
_symmetry.space_group_name_H-M   'C 1 2 1'
#
loop_
_entity.id
_entity.type
_entity.pdbx_description
1 polymer Beta-glucosidase
2 non-polymer beta-D-glucopyranose
3 water water
#
_entity_poly.entity_id   1
_entity_poly.type   'polypeptide(L)'
_entity_poly.pdbx_seq_one_letter_code
;MQTGPSHGLPPGFLFGASTASYQIEGATTEDGRGPSIWDTFTAEPGRVVDGSSGAVTCDHYHRWPEDVALLRRLGVDGYR
FSIAWPRIQPTGSGPANQAGLDFYDRLVDALLEAGIAPMATLYHWDLPQALEDGGGWLDRGTASRFAEYAAIMGDLLGDR
VAHWCPVNEPNVVTLNGYGEGSLAPGKALEFGALPVAHHLLLGHGLAVQALRAAGARQVGTATNHAPVLPLSGSEADVTA
ASLFDALWNRLFADPVLLGRYPDGIADAMPGPVAEDLLTIAQPLDFYGLNYYNPQGVRAAPEGSPVPFDVAAVPGYPTTD
FGWPVAPSGLTDLLVEMTERYPQIPPILITENGCSYGMGPDADGVVDDQPRIDYLDSHLGAVADAVARGVDVRGYYCWSL
LDNFEWADGFTQRFGLVHVDYDTLVRTPKRSFDWYADVIRAHRGTTA
;
_entity_poly.pdbx_strand_id   A
#
# COMPACT_ATOMS: atom_id res chain seq x y z
N GLY A 8 25.42 0.28 0.69
CA GLY A 8 25.86 -0.94 -0.05
C GLY A 8 24.69 -1.64 -0.78
N LEU A 9 23.95 -0.86 -1.58
CA LEU A 9 22.78 -1.34 -2.28
C LEU A 9 23.20 -1.84 -3.66
N PRO A 10 22.46 -2.80 -4.22
CA PRO A 10 22.76 -3.32 -5.54
C PRO A 10 22.83 -2.26 -6.62
N PRO A 11 23.69 -2.47 -7.63
CA PRO A 11 23.75 -1.53 -8.74
C PRO A 11 22.40 -1.51 -9.45
N GLY A 12 21.91 -0.34 -9.85
CA GLY A 12 20.58 -0.37 -10.43
C GLY A 12 19.42 -0.68 -9.44
N PHE A 13 19.67 -0.63 -8.12
CA PHE A 13 18.59 -0.59 -7.16
C PHE A 13 17.63 0.56 -7.51
N LEU A 14 16.31 0.32 -7.47
CA LEU A 14 15.30 1.32 -7.80
C LEU A 14 14.87 2.09 -6.56
N PHE A 15 14.86 3.43 -6.65
CA PHE A 15 14.38 4.32 -5.61
C PHE A 15 13.09 4.92 -6.10
N GLY A 16 12.03 4.82 -5.29
CA GLY A 16 10.82 5.54 -5.61
C GLY A 16 10.12 6.24 -4.46
N ALA A 17 8.94 6.74 -4.79
CA ALA A 17 8.01 7.31 -3.83
C ALA A 17 6.59 6.82 -4.12
N SER A 18 5.73 6.81 -3.11
CA SER A 18 4.43 6.18 -3.18
C SER A 18 3.32 7.11 -2.65
N THR A 19 2.17 7.03 -3.28
CA THR A 19 0.91 7.64 -2.84
C THR A 19 -0.29 6.70 -3.05
N ALA A 20 -1.50 7.17 -2.71
CA ALA A 20 -2.74 6.48 -2.96
C ALA A 20 -3.83 7.50 -3.29
N SER A 21 -4.78 7.02 -4.13
CA SER A 21 -5.70 7.90 -4.82
C SER A 21 -6.55 8.71 -3.85
N TYR A 22 -7.22 8.02 -2.93
CA TYR A 22 -8.13 8.71 -2.02
C TYR A 22 -7.35 9.67 -1.13
N GLN A 23 -6.11 9.28 -0.80
CA GLN A 23 -5.31 10.03 0.15
C GLN A 23 -4.78 11.35 -0.46
N ILE A 24 -4.66 11.48 -1.81
CA ILE A 24 -4.10 12.69 -2.39
C ILE A 24 -5.00 13.42 -3.41
N GLU A 25 -5.94 12.74 -4.07
CA GLU A 25 -6.51 13.31 -5.30
C GLU A 25 -7.48 14.44 -5.01
N GLY A 26 -8.37 14.30 -4.03
CA GLY A 26 -9.49 15.22 -3.90
C GLY A 26 -10.45 15.04 -5.07
N ALA A 27 -11.21 16.10 -5.40
CA ALA A 27 -12.11 16.07 -6.55
C ALA A 27 -13.03 14.88 -6.49
N THR A 28 -13.61 14.63 -5.29
CA THR A 28 -14.34 13.40 -5.01
C THR A 28 -15.64 13.34 -5.81
N THR A 29 -16.20 14.48 -6.20
CA THR A 29 -17.47 14.49 -6.90
C THR A 29 -17.31 14.95 -8.35
N GLU A 30 -16.09 15.01 -8.86
CA GLU A 30 -15.87 15.62 -10.16
C GLU A 30 -15.86 14.54 -11.24
N ASP A 31 -16.27 14.90 -12.46
CA ASP A 31 -16.10 14.06 -13.65
C ASP A 31 -16.70 12.67 -13.49
N GLY A 32 -17.84 12.58 -12.81
CA GLY A 32 -18.62 11.35 -12.75
C GLY A 32 -18.09 10.33 -11.75
N ARG A 33 -17.09 10.70 -10.93
CA ARG A 33 -16.58 9.79 -9.90
C ARG A 33 -17.74 9.33 -9.03
N GLY A 34 -17.81 8.02 -8.81
CA GLY A 34 -18.82 7.45 -7.95
C GLY A 34 -18.35 7.46 -6.50
N PRO A 35 -19.28 7.40 -5.53
CA PRO A 35 -18.92 7.30 -4.11
C PRO A 35 -18.20 6.00 -3.78
N SER A 36 -17.19 6.11 -2.90
CA SER A 36 -16.48 4.96 -2.40
C SER A 36 -16.89 4.70 -0.96
N ILE A 37 -16.44 3.58 -0.41
CA ILE A 37 -16.68 3.27 0.99
C ILE A 37 -16.00 4.32 1.88
N TRP A 38 -14.96 5.00 1.37
CA TRP A 38 -14.27 6.01 2.15
C TRP A 38 -15.01 7.34 2.15
N ASP A 39 -15.79 7.61 1.11
CA ASP A 39 -16.71 8.74 1.12
C ASP A 39 -17.75 8.50 2.22
N THR A 40 -18.29 7.27 2.26
CA THR A 40 -19.28 6.89 3.27
C THR A 40 -18.69 6.98 4.68
N PHE A 41 -17.49 6.44 4.88
CA PHE A 41 -16.89 6.35 6.20
C PHE A 41 -16.60 7.74 6.75
N THR A 42 -16.09 8.63 5.89
CA THR A 42 -15.67 9.94 6.34
C THR A 42 -16.86 10.89 6.54
N ALA A 43 -18.03 10.60 5.93
CA ALA A 43 -19.26 11.36 6.15
C ALA A 43 -19.91 11.01 7.49
N GLU A 44 -19.40 9.99 8.20
CA GLU A 44 -19.98 9.60 9.47
C GLU A 44 -19.28 10.34 10.61
N PRO A 45 -20.05 10.96 11.53
CA PRO A 45 -19.50 11.58 12.73
C PRO A 45 -18.62 10.67 13.56
N GLY A 46 -17.40 11.15 13.88
CA GLY A 46 -16.53 10.51 14.87
C GLY A 46 -15.65 9.40 14.29
N ARG A 47 -15.78 9.11 12.99
CA ARG A 47 -14.94 8.10 12.36
C ARG A 47 -13.49 8.61 12.17
N VAL A 48 -13.32 9.92 11.92
CA VAL A 48 -12.03 10.49 11.62
C VAL A 48 -11.64 11.44 12.76
N VAL A 49 -10.44 11.27 13.32
CA VAL A 49 -10.08 11.92 14.57
C VAL A 49 -10.28 13.43 14.48
N ASP A 50 -9.99 14.05 13.33
CA ASP A 50 -10.03 15.50 13.22
C ASP A 50 -11.26 15.94 12.43
N GLY A 51 -12.18 15.04 12.15
CA GLY A 51 -13.38 15.39 11.41
C GLY A 51 -13.13 15.72 9.93
N SER A 52 -12.00 15.28 9.35
CA SER A 52 -11.67 15.59 7.97
C SER A 52 -12.11 14.47 7.03
N SER A 53 -11.99 14.72 5.72
CA SER A 53 -12.26 13.77 4.65
C SER A 53 -11.25 13.98 3.52
N GLY A 54 -11.37 13.16 2.47
CA GLY A 54 -10.56 13.30 1.27
C GLY A 54 -11.25 14.09 0.16
N ALA A 55 -12.24 14.91 0.55
CA ALA A 55 -12.90 15.85 -0.35
C ALA A 55 -11.91 16.63 -1.19
N VAL A 56 -10.90 17.24 -0.57
CA VAL A 56 -9.90 18.05 -1.27
C VAL A 56 -8.50 17.47 -1.08
N THR A 57 -8.13 17.17 0.17
CA THR A 57 -6.77 16.74 0.53
C THR A 57 -5.73 17.56 -0.24
N CYS A 58 -4.71 16.92 -0.84
CA CYS A 58 -3.67 17.59 -1.60
C CYS A 58 -4.12 18.17 -2.94
N ASP A 59 -5.31 17.76 -3.40
CA ASP A 59 -5.89 18.25 -4.65
C ASP A 59 -4.98 17.89 -5.82
N HIS A 60 -4.41 16.66 -5.76
CA HIS A 60 -3.60 16.12 -6.83
C HIS A 60 -4.37 15.98 -8.14
N TYR A 61 -5.69 15.83 -8.10
CA TYR A 61 -6.48 15.68 -9.32
C TYR A 61 -6.35 16.93 -10.20
N HIS A 62 -6.23 18.11 -9.58
CA HIS A 62 -6.02 19.32 -10.36
C HIS A 62 -4.56 19.78 -10.42
N ARG A 63 -3.70 19.32 -9.46
CA ARG A 63 -2.36 19.83 -9.31
C ARG A 63 -1.26 18.83 -9.70
N TRP A 64 -1.63 17.72 -10.34
CA TRP A 64 -0.70 16.62 -10.65
C TRP A 64 0.49 17.08 -11.51
N PRO A 65 0.42 18.10 -12.40
CA PRO A 65 1.64 18.52 -13.10
C PRO A 65 2.77 18.97 -12.15
N GLU A 66 2.40 19.75 -11.16
CA GLU A 66 3.33 20.20 -10.14
C GLU A 66 3.97 19.00 -9.43
N ASP A 67 3.17 17.97 -9.13
CA ASP A 67 3.61 16.77 -8.42
C ASP A 67 4.54 15.91 -9.29
N VAL A 68 4.21 15.77 -10.58
CA VAL A 68 5.10 15.07 -11.50
C VAL A 68 6.44 15.78 -11.53
N ALA A 69 6.41 17.12 -11.56
CA ALA A 69 7.64 17.89 -11.59
C ALA A 69 8.44 17.69 -10.29
N LEU A 70 7.76 17.55 -9.15
CA LEU A 70 8.50 17.26 -7.92
C LEU A 70 9.20 15.90 -8.01
N LEU A 71 8.52 14.88 -8.57
CA LEU A 71 9.10 13.56 -8.76
C LEU A 71 10.31 13.65 -9.67
N ARG A 72 10.18 14.41 -10.77
CA ARG A 72 11.29 14.65 -11.69
C ARG A 72 12.47 15.29 -10.97
N ARG A 73 12.22 16.32 -10.16
CA ARG A 73 13.28 16.99 -9.43
C ARG A 73 13.91 16.05 -8.40
N LEU A 74 13.09 15.22 -7.73
CA LEU A 74 13.59 14.24 -6.78
C LEU A 74 14.55 13.26 -7.47
N GLY A 75 14.22 12.88 -8.71
CA GLY A 75 15.06 11.98 -9.51
C GLY A 75 14.81 10.51 -9.19
N VAL A 76 13.64 10.19 -8.63
CA VAL A 76 13.28 8.81 -8.38
C VAL A 76 13.25 8.07 -9.71
N ASP A 77 13.58 6.78 -9.66
CA ASP A 77 13.38 5.86 -10.77
C ASP A 77 11.90 5.51 -10.96
N GLY A 78 11.14 5.45 -9.87
CA GLY A 78 9.80 4.90 -9.89
C GLY A 78 8.84 5.78 -9.12
N TYR A 79 7.56 5.76 -9.49
CA TYR A 79 6.50 6.43 -8.74
C TYR A 79 5.37 5.43 -8.62
N ARG A 80 5.01 5.12 -7.37
CA ARG A 80 3.88 4.24 -7.11
C ARG A 80 2.66 5.08 -6.77
N PHE A 81 1.59 4.88 -7.52
CA PHE A 81 0.32 5.56 -7.31
C PHE A 81 -0.80 4.53 -7.38
N SER A 82 -2.02 4.89 -6.95
CA SER A 82 -3.17 3.99 -7.08
C SER A 82 -4.18 4.59 -8.03
N ILE A 83 -4.93 3.73 -8.72
CA ILE A 83 -6.05 4.10 -9.59
C ILE A 83 -7.31 4.04 -8.75
N ALA A 84 -8.11 5.12 -8.77
CA ALA A 84 -9.42 5.10 -8.09
C ALA A 84 -10.43 4.31 -8.93
N TRP A 85 -10.72 3.09 -8.51
CA TRP A 85 -11.79 2.31 -9.11
C TRP A 85 -13.07 3.15 -9.29
N PRO A 86 -13.53 3.95 -8.31
CA PRO A 86 -14.77 4.73 -8.51
C PRO A 86 -14.69 5.81 -9.60
N ARG A 87 -13.49 6.22 -10.06
CA ARG A 87 -13.43 7.10 -11.22
C ARG A 87 -13.57 6.30 -12.51
N ILE A 88 -13.17 5.02 -12.47
CA ILE A 88 -13.18 4.16 -13.64
C ILE A 88 -14.56 3.55 -13.86
N GLN A 89 -15.11 2.98 -12.81
CA GLN A 89 -16.45 2.42 -12.79
C GLN A 89 -17.15 2.95 -11.55
N PRO A 90 -17.88 4.09 -11.67
CA PRO A 90 -18.60 4.66 -10.53
C PRO A 90 -19.32 3.66 -9.62
N THR A 91 -19.91 2.63 -10.22
CA THR A 91 -20.68 1.63 -9.45
C THR A 91 -19.91 0.32 -9.25
N GLY A 92 -18.72 0.23 -9.87
CA GLY A 92 -17.93 -0.98 -9.82
C GLY A 92 -18.28 -2.00 -10.91
N SER A 93 -19.18 -1.66 -11.82
CA SER A 93 -19.46 -2.54 -12.96
C SER A 93 -19.87 -1.68 -14.13
N GLY A 94 -19.96 -2.32 -15.30
CA GLY A 94 -20.43 -1.61 -16.47
C GLY A 94 -19.30 -0.91 -17.20
N PRO A 95 -19.63 -0.15 -18.27
CA PRO A 95 -18.61 0.47 -19.13
C PRO A 95 -17.83 1.55 -18.38
N ALA A 96 -16.56 1.70 -18.78
CA ALA A 96 -15.65 2.63 -18.12
C ALA A 96 -16.09 4.07 -18.36
N ASN A 97 -15.86 4.92 -17.36
CA ASN A 97 -15.98 6.37 -17.44
C ASN A 97 -14.77 6.95 -18.16
N GLN A 98 -14.99 7.60 -19.30
CA GLN A 98 -13.92 8.10 -20.15
C GLN A 98 -13.04 9.11 -19.37
N ALA A 99 -13.67 10.03 -18.62
CA ALA A 99 -12.93 11.05 -17.90
C ALA A 99 -11.96 10.43 -16.88
N GLY A 100 -12.34 9.30 -16.29
CA GLY A 100 -11.50 8.56 -15.36
C GLY A 100 -10.28 8.00 -16.07
N LEU A 101 -10.53 7.37 -17.22
CA LEU A 101 -9.51 6.76 -18.06
C LEU A 101 -8.52 7.84 -18.51
N ASP A 102 -9.06 9.00 -18.95
CA ASP A 102 -8.27 10.12 -19.45
C ASP A 102 -7.27 10.61 -18.40
N PHE A 103 -7.71 10.71 -17.14
CA PHE A 103 -6.86 11.23 -16.09
C PHE A 103 -5.61 10.36 -15.94
N TYR A 104 -5.78 9.03 -15.80
CA TYR A 104 -4.65 8.14 -15.58
C TYR A 104 -3.82 8.02 -16.86
N ASP A 105 -4.48 8.08 -18.01
CA ASP A 105 -3.79 7.99 -19.28
C ASP A 105 -2.79 9.14 -19.41
N ARG A 106 -3.26 10.36 -19.09
CA ARG A 106 -2.41 11.54 -19.18
C ARG A 106 -1.31 11.51 -18.11
N LEU A 107 -1.67 11.14 -16.88
CA LEU A 107 -0.67 11.03 -15.83
C LEU A 107 0.46 10.11 -16.26
N VAL A 108 0.13 8.92 -16.73
CA VAL A 108 1.15 7.94 -17.07
C VAL A 108 2.02 8.46 -18.24
N ASP A 109 1.43 9.14 -19.24
CA ASP A 109 2.25 9.68 -20.33
C ASP A 109 3.22 10.73 -19.82
N ALA A 110 2.80 11.55 -18.85
CA ALA A 110 3.68 12.55 -18.25
C ALA A 110 4.80 11.91 -17.45
N LEU A 111 4.51 10.82 -16.71
CA LEU A 111 5.55 10.14 -15.96
C LEU A 111 6.61 9.60 -16.90
N LEU A 112 6.17 9.03 -18.04
CA LEU A 112 7.11 8.49 -19.02
C LEU A 112 7.94 9.59 -19.67
N GLU A 113 7.38 10.77 -19.92
CA GLU A 113 8.16 11.86 -20.50
C GLU A 113 9.26 12.29 -19.51
N ALA A 114 8.94 12.25 -18.21
CA ALA A 114 9.88 12.59 -17.15
C ALA A 114 10.87 11.46 -16.87
N GLY A 115 10.77 10.32 -17.56
CA GLY A 115 11.70 9.23 -17.37
C GLY A 115 11.46 8.44 -16.08
N ILE A 116 10.21 8.42 -15.58
CA ILE A 116 9.86 7.72 -14.36
C ILE A 116 9.09 6.44 -14.72
N ALA A 117 9.45 5.33 -14.06
CA ALA A 117 8.83 4.05 -14.25
C ALA A 117 7.55 4.01 -13.41
N PRO A 118 6.34 4.00 -14.03
CA PRO A 118 5.10 4.04 -13.26
C PRO A 118 4.82 2.70 -12.58
N MET A 119 4.46 2.75 -11.30
CA MET A 119 3.98 1.56 -10.60
C MET A 119 2.53 1.80 -10.18
N ALA A 120 1.61 1.04 -10.81
CA ALA A 120 0.18 1.23 -10.62
C ALA A 120 -0.39 0.21 -9.62
N THR A 121 -1.05 0.71 -8.56
CA THR A 121 -1.81 -0.12 -7.64
C THR A 121 -3.28 -0.06 -8.10
N LEU A 122 -3.95 -1.22 -8.30
CA LEU A 122 -5.33 -1.21 -8.78
C LEU A 122 -6.31 -0.90 -7.64
N TYR A 123 -6.04 -1.49 -6.47
CA TYR A 123 -6.91 -1.35 -5.32
C TYR A 123 -6.13 -0.89 -4.09
N HIS A 124 -6.30 0.39 -3.75
CA HIS A 124 -5.82 0.93 -2.51
C HIS A 124 -6.99 1.42 -1.66
N TRP A 125 -7.97 0.53 -1.46
CA TRP A 125 -8.96 0.58 -0.37
C TRP A 125 -10.24 1.36 -0.73
N ASP A 126 -10.30 2.03 -1.88
CA ASP A 126 -11.44 2.85 -2.25
C ASP A 126 -12.45 2.05 -3.08
N LEU A 127 -13.03 1.00 -2.49
CA LEU A 127 -14.08 0.22 -3.14
C LEU A 127 -15.28 1.09 -3.48
N PRO A 128 -15.89 1.00 -4.68
CA PRO A 128 -17.15 1.68 -4.94
C PRO A 128 -18.22 1.24 -3.91
N GLN A 129 -18.95 2.23 -3.37
CA GLN A 129 -19.99 1.96 -2.39
C GLN A 129 -21.04 0.99 -2.94
N ALA A 130 -21.36 1.12 -4.23
CA ALA A 130 -22.37 0.26 -4.82
C ALA A 130 -21.98 -1.19 -4.66
N LEU A 131 -20.68 -1.54 -4.74
CA LEU A 131 -20.26 -2.92 -4.52
C LEU A 131 -20.35 -3.31 -3.05
N GLU A 132 -20.01 -2.39 -2.13
CA GLU A 132 -20.18 -2.69 -0.71
C GLU A 132 -21.67 -2.94 -0.42
N ASP A 133 -22.57 -2.23 -1.10
CA ASP A 133 -24.00 -2.38 -0.79
C ASP A 133 -24.44 -3.83 -1.01
N GLY A 134 -23.84 -4.49 -2.01
CA GLY A 134 -24.13 -5.89 -2.32
C GLY A 134 -23.38 -6.92 -1.47
N GLY A 135 -22.55 -6.46 -0.53
CA GLY A 135 -21.73 -7.33 0.31
C GLY A 135 -20.22 -7.06 0.20
N GLY A 136 -19.78 -6.23 -0.75
CA GLY A 136 -18.35 -5.95 -0.90
C GLY A 136 -17.51 -7.21 -1.06
N TRP A 137 -16.38 -7.29 -0.32
CA TRP A 137 -15.46 -8.41 -0.51
C TRP A 137 -15.98 -9.72 0.12
N LEU A 138 -17.15 -9.69 0.79
CA LEU A 138 -17.77 -10.93 1.27
C LEU A 138 -18.39 -11.68 0.09
N ASP A 139 -18.65 -10.96 -1.00
CA ASP A 139 -19.17 -11.56 -2.20
C ASP A 139 -18.01 -11.95 -3.12
N ARG A 140 -17.93 -13.26 -3.43
CA ARG A 140 -17.03 -13.81 -4.44
C ARG A 140 -17.14 -13.06 -5.76
N GLY A 141 -18.36 -12.59 -6.08
CA GLY A 141 -18.59 -11.80 -7.28
C GLY A 141 -17.77 -10.52 -7.34
N THR A 142 -17.40 -9.95 -6.19
CA THR A 142 -16.55 -8.77 -6.18
C THR A 142 -15.16 -9.08 -6.78
N ALA A 143 -14.67 -10.34 -6.65
CA ALA A 143 -13.38 -10.66 -7.21
C ALA A 143 -13.48 -10.61 -8.73
N SER A 144 -14.60 -11.06 -9.29
CA SER A 144 -14.84 -10.98 -10.72
C SER A 144 -15.00 -9.54 -11.21
N ARG A 145 -15.70 -8.69 -10.45
CA ARG A 145 -15.81 -7.29 -10.84
C ARG A 145 -14.41 -6.67 -10.88
N PHE A 146 -13.57 -7.06 -9.91
CA PHE A 146 -12.22 -6.52 -9.81
C PHE A 146 -11.38 -6.95 -11.02
N ALA A 147 -11.54 -8.21 -11.42
CA ALA A 147 -10.85 -8.76 -12.59
C ALA A 147 -11.24 -7.99 -13.85
N GLU A 148 -12.51 -7.62 -13.96
CA GLU A 148 -12.99 -6.83 -15.10
C GLU A 148 -12.35 -5.44 -15.09
N TYR A 149 -12.26 -4.80 -13.91
CA TYR A 149 -11.62 -3.51 -13.75
C TYR A 149 -10.14 -3.59 -14.13
N ALA A 150 -9.45 -4.66 -13.69
CA ALA A 150 -8.08 -4.89 -14.08
C ALA A 150 -7.93 -4.91 -15.59
N ALA A 151 -8.80 -5.65 -16.29
CA ALA A 151 -8.75 -5.73 -17.74
C ALA A 151 -8.90 -4.37 -18.40
N ILE A 152 -9.81 -3.53 -17.87
CA ILE A 152 -9.99 -2.18 -18.38
C ILE A 152 -8.70 -1.36 -18.23
N MET A 153 -8.05 -1.44 -17.05
CA MET A 153 -6.89 -0.61 -16.79
C MET A 153 -5.68 -1.19 -17.53
N GLY A 154 -5.59 -2.52 -17.61
CA GLY A 154 -4.62 -3.18 -18.48
C GLY A 154 -4.74 -2.78 -19.95
N ASP A 155 -5.99 -2.72 -20.44
CA ASP A 155 -6.20 -2.35 -21.84
C ASP A 155 -5.74 -0.91 -22.05
N LEU A 156 -6.02 0.01 -21.13
CA LEU A 156 -5.65 1.40 -21.36
C LEU A 156 -4.13 1.59 -21.24
N LEU A 157 -3.51 1.00 -20.19
CA LEU A 157 -2.20 1.41 -19.71
C LEU A 157 -1.15 0.33 -19.89
N GLY A 158 -1.50 -0.81 -20.49
CA GLY A 158 -0.71 -2.03 -20.31
C GLY A 158 0.73 -1.91 -20.79
N ASP A 159 0.90 -1.16 -21.87
CA ASP A 159 2.15 -1.05 -22.60
C ASP A 159 3.07 0.02 -21.99
N ARG A 160 2.70 0.63 -20.86
CA ARG A 160 3.33 1.88 -20.40
C ARG A 160 3.69 1.81 -18.91
N VAL A 161 2.84 1.18 -18.10
CA VAL A 161 3.11 0.94 -16.68
C VAL A 161 4.25 -0.06 -16.56
N ALA A 162 5.24 0.23 -15.71
CA ALA A 162 6.41 -0.62 -15.54
C ALA A 162 6.09 -1.76 -14.59
N HIS A 163 5.33 -1.46 -13.52
CA HIS A 163 5.05 -2.40 -12.44
C HIS A 163 3.61 -2.28 -12.02
N TRP A 164 2.96 -3.42 -11.71
CA TRP A 164 1.63 -3.45 -11.14
C TRP A 164 1.58 -4.12 -9.76
N CYS A 165 0.77 -3.54 -8.87
CA CYS A 165 0.38 -4.09 -7.59
C CYS A 165 -1.15 -4.19 -7.52
N PRO A 166 -1.75 -5.38 -7.72
CA PRO A 166 -3.22 -5.48 -7.70
C PRO A 166 -3.85 -4.90 -6.43
N VAL A 167 -3.46 -5.43 -5.28
CA VAL A 167 -4.16 -5.12 -4.06
C VAL A 167 -3.16 -4.65 -3.01
N ASN A 168 -3.38 -3.44 -2.50
CA ASN A 168 -2.60 -2.94 -1.39
C ASN A 168 -3.09 -3.53 -0.05
N GLU A 169 -2.18 -4.21 0.64
CA GLU A 169 -2.35 -4.61 2.03
C GLU A 169 -3.67 -5.33 2.23
N PRO A 170 -3.85 -6.50 1.62
CA PRO A 170 -5.10 -7.25 1.80
C PRO A 170 -5.33 -7.62 3.27
N ASN A 171 -4.24 -7.71 4.03
CA ASN A 171 -4.32 -7.98 5.46
C ASN A 171 -5.01 -6.84 6.20
N VAL A 172 -4.70 -5.59 5.84
CA VAL A 172 -5.38 -4.46 6.45
C VAL A 172 -6.85 -4.44 6.01
N VAL A 173 -7.13 -4.61 4.72
CA VAL A 173 -8.51 -4.56 4.24
C VAL A 173 -9.37 -5.57 5.01
N THR A 174 -8.84 -6.78 5.19
CA THR A 174 -9.50 -7.88 5.86
C THR A 174 -9.67 -7.60 7.35
N LEU A 175 -8.56 -7.48 8.10
CA LEU A 175 -8.67 -7.41 9.56
C LEU A 175 -9.28 -6.10 10.03
N ASN A 176 -8.93 -4.96 9.39
CA ASN A 176 -9.29 -3.66 9.93
C ASN A 176 -10.61 -3.19 9.31
N GLY A 177 -10.84 -3.58 8.07
CA GLY A 177 -12.03 -3.18 7.35
C GLY A 177 -13.25 -4.03 7.72
N TYR A 178 -13.04 -5.34 7.85
CA TYR A 178 -14.14 -6.27 8.02
C TYR A 178 -14.02 -7.07 9.32
N GLY A 179 -12.83 -7.09 9.94
CA GLY A 179 -12.61 -7.91 11.11
C GLY A 179 -12.95 -7.17 12.41
N GLU A 180 -12.40 -5.96 12.59
CA GLU A 180 -12.65 -5.15 13.78
C GLU A 180 -13.25 -3.80 13.45
N GLY A 181 -13.33 -3.42 12.16
CA GLY A 181 -14.14 -2.28 11.75
C GLY A 181 -13.48 -0.93 12.03
N SER A 182 -12.14 -0.89 12.14
CA SER A 182 -11.45 0.37 12.44
C SER A 182 -11.28 1.21 11.18
N LEU A 183 -11.46 0.60 10.00
CA LEU A 183 -11.38 1.29 8.73
C LEU A 183 -12.58 0.93 7.87
N ALA A 184 -12.77 1.66 6.76
CA ALA A 184 -13.91 1.40 5.88
C ALA A 184 -13.83 -0.03 5.36
N PRO A 185 -14.94 -0.78 5.25
CA PRO A 185 -16.30 -0.29 5.53
C PRO A 185 -16.86 -0.33 6.95
N GLY A 186 -16.02 -0.57 7.96
CA GLY A 186 -16.46 -0.50 9.33
C GLY A 186 -17.27 -1.73 9.75
N LYS A 187 -17.08 -2.88 9.12
CA LYS A 187 -17.68 -4.11 9.62
C LYS A 187 -16.78 -4.76 10.67
N ALA A 188 -17.39 -5.41 11.68
CA ALA A 188 -16.67 -6.07 12.74
C ALA A 188 -17.10 -7.53 12.91
N LEU A 189 -16.68 -8.38 11.95
CA LEU A 189 -17.05 -9.78 11.87
C LEU A 189 -16.11 -10.72 12.61
N GLU A 190 -15.01 -10.20 13.18
CA GLU A 190 -13.92 -11.05 13.66
C GLU A 190 -13.59 -12.12 12.60
N PHE A 191 -13.65 -13.40 12.95
CA PHE A 191 -13.24 -14.46 12.06
C PHE A 191 -14.22 -14.63 10.91
N GLY A 192 -15.42 -14.01 11.01
CA GLY A 192 -16.32 -13.93 9.87
C GLY A 192 -15.73 -13.19 8.67
N ALA A 193 -14.60 -12.50 8.88
CA ALA A 193 -13.92 -11.77 7.79
C ALA A 193 -12.97 -12.65 6.97
N LEU A 194 -12.77 -13.92 7.34
CA LEU A 194 -11.84 -14.76 6.59
C LEU A 194 -12.20 -14.86 5.11
N PRO A 195 -13.48 -14.93 4.70
CA PRO A 195 -13.83 -14.93 3.28
C PRO A 195 -13.37 -13.69 2.52
N VAL A 196 -13.26 -12.54 3.20
CA VAL A 196 -12.76 -11.33 2.55
C VAL A 196 -11.33 -11.58 2.11
N ALA A 197 -10.53 -12.20 2.99
CA ALA A 197 -9.15 -12.51 2.63
C ALA A 197 -9.12 -13.37 1.37
N HIS A 198 -9.95 -14.43 1.32
CA HIS A 198 -9.96 -15.35 0.19
C HIS A 198 -10.34 -14.66 -1.12
N HIS A 199 -11.32 -13.75 -1.06
CA HIS A 199 -11.78 -13.06 -2.26
C HIS A 199 -10.80 -11.97 -2.71
N LEU A 200 -10.10 -11.35 -1.76
CA LEU A 200 -9.08 -10.38 -2.11
C LEU A 200 -7.94 -11.09 -2.85
N LEU A 201 -7.54 -12.24 -2.33
CA LEU A 201 -6.49 -13.07 -2.91
C LEU A 201 -6.95 -13.63 -4.24
N LEU A 202 -8.20 -14.07 -4.34
CA LEU A 202 -8.73 -14.52 -5.63
C LEU A 202 -8.74 -13.39 -6.64
N GLY A 203 -9.12 -12.17 -6.18
CA GLY A 203 -9.11 -10.97 -6.99
C GLY A 203 -7.70 -10.65 -7.48
N HIS A 204 -6.73 -10.82 -6.57
CA HIS A 204 -5.33 -10.66 -6.93
C HIS A 204 -5.02 -11.53 -8.14
N GLY A 205 -5.25 -12.82 -8.01
CA GLY A 205 -4.85 -13.78 -9.04
C GLY A 205 -5.54 -13.56 -10.37
N LEU A 206 -6.85 -13.26 -10.33
CA LEU A 206 -7.61 -12.97 -11.54
C LEU A 206 -7.07 -11.70 -12.19
N ALA A 207 -6.63 -10.69 -11.40
CA ALA A 207 -6.17 -9.44 -11.98
C ALA A 207 -4.82 -9.65 -12.63
N VAL A 208 -3.99 -10.52 -12.03
CA VAL A 208 -2.69 -10.85 -12.57
C VAL A 208 -2.89 -11.40 -14.00
N GLN A 209 -3.80 -12.37 -14.14
CA GLN A 209 -4.16 -12.95 -15.44
C GLN A 209 -4.64 -11.85 -16.40
N ALA A 210 -5.55 -10.99 -15.93
CA ALA A 210 -6.12 -9.95 -16.77
C ALA A 210 -5.05 -8.99 -17.27
N LEU A 211 -4.10 -8.62 -16.39
CA LEU A 211 -3.05 -7.68 -16.75
C LEU A 211 -2.09 -8.28 -17.77
N ARG A 212 -1.68 -9.53 -17.55
CA ARG A 212 -0.81 -10.24 -18.48
C ARG A 212 -1.46 -10.37 -19.86
N ALA A 213 -2.75 -10.70 -19.90
CA ALA A 213 -3.44 -10.88 -21.17
C ALA A 213 -3.52 -9.55 -21.90
N ALA A 214 -3.48 -8.45 -21.15
CA ALA A 214 -3.53 -7.11 -21.73
C ALA A 214 -2.15 -6.67 -22.18
N GLY A 215 -1.09 -7.42 -21.86
CA GLY A 215 0.25 -7.07 -22.26
C GLY A 215 1.05 -6.33 -21.18
N ALA A 216 0.64 -6.48 -19.91
CA ALA A 216 1.34 -5.81 -18.82
C ALA A 216 2.80 -6.24 -18.76
N ARG A 217 3.64 -5.43 -18.11
CA ARG A 217 5.03 -5.77 -17.95
C ARG A 217 5.15 -6.57 -16.65
N GLN A 218 5.63 -5.98 -15.55
CA GLN A 218 5.87 -6.73 -14.31
C GLN A 218 4.67 -6.60 -13.37
N VAL A 219 4.30 -7.72 -12.75
CA VAL A 219 3.18 -7.81 -11.83
C VAL A 219 3.72 -8.43 -10.52
N GLY A 220 3.30 -7.82 -9.41
CA GLY A 220 3.77 -8.21 -8.09
C GLY A 220 2.63 -8.12 -7.07
N THR A 221 2.96 -7.64 -5.86
CA THR A 221 2.08 -7.46 -4.75
C THR A 221 2.43 -6.15 -4.03
N ALA A 222 1.65 -5.81 -2.99
CA ALA A 222 2.04 -4.78 -2.03
C ALA A 222 1.39 -5.14 -0.71
N THR A 223 1.92 -6.18 -0.06
CA THR A 223 1.29 -6.72 1.14
C THR A 223 2.05 -6.22 2.36
N ASN A 224 1.33 -5.89 3.43
CA ASN A 224 1.96 -5.42 4.65
C ASN A 224 2.61 -6.62 5.33
N HIS A 225 3.88 -6.51 5.75
CA HIS A 225 4.50 -7.58 6.51
C HIS A 225 5.23 -6.95 7.69
N ALA A 226 5.30 -7.71 8.77
CA ALA A 226 6.02 -7.27 9.97
C ALA A 226 6.45 -8.52 10.73
N PRO A 227 7.65 -8.53 11.35
CA PRO A 227 7.95 -9.53 12.37
C PRO A 227 6.96 -9.30 13.51
N VAL A 228 6.53 -10.41 14.12
CA VAL A 228 5.56 -10.40 15.21
C VAL A 228 6.26 -10.87 16.49
N LEU A 229 6.36 -9.99 17.49
CA LEU A 229 7.13 -10.25 18.69
C LEU A 229 6.17 -10.53 19.85
N PRO A 230 6.36 -11.65 20.59
CA PRO A 230 5.55 -11.93 21.77
C PRO A 230 5.96 -10.92 22.83
N LEU A 231 5.00 -10.31 23.54
CA LEU A 231 5.33 -9.32 24.55
C LEU A 231 5.75 -9.96 25.89
N SER A 232 5.62 -11.29 26.06
CA SER A 232 6.02 -12.00 27.26
C SER A 232 6.64 -13.35 26.93
N GLY A 233 6.67 -14.26 27.93
CA GLY A 233 7.06 -15.65 27.74
C GLY A 233 5.88 -16.62 27.84
N SER A 234 4.72 -16.12 28.29
CA SER A 234 3.55 -16.96 28.47
C SER A 234 3.16 -17.63 27.16
N GLU A 235 2.70 -18.88 27.26
CA GLU A 235 2.23 -19.61 26.09
C GLU A 235 1.09 -18.81 25.48
N ALA A 236 0.20 -18.30 26.33
CA ALA A 236 -0.88 -17.45 25.86
C ALA A 236 -0.31 -16.47 24.84
N ASP A 237 0.82 -15.86 25.20
CA ASP A 237 1.43 -14.76 24.46
C ASP A 237 2.21 -15.27 23.25
N VAL A 238 2.98 -16.37 23.40
CA VAL A 238 3.69 -16.94 22.26
C VAL A 238 2.69 -17.54 21.25
N THR A 239 1.58 -18.09 21.75
CA THR A 239 0.59 -18.72 20.89
C THR A 239 -0.23 -17.63 20.19
N ALA A 240 -0.52 -16.53 20.90
CA ALA A 240 -1.21 -15.40 20.30
C ALA A 240 -0.32 -14.77 19.22
N ALA A 241 0.99 -14.68 19.48
CA ALA A 241 1.92 -14.07 18.53
C ALA A 241 2.05 -14.95 17.29
N SER A 242 2.14 -16.26 17.50
CA SER A 242 2.14 -17.21 16.39
C SER A 242 0.86 -17.10 15.58
N LEU A 243 -0.28 -17.01 16.26
CA LEU A 243 -1.57 -16.92 15.58
C LEU A 243 -1.61 -15.65 14.73
N PHE A 244 -1.26 -14.50 15.34
CA PHE A 244 -1.24 -13.23 14.62
C PHE A 244 -0.30 -13.30 13.41
N ASP A 245 0.89 -13.90 13.58
CA ASP A 245 1.83 -14.07 12.47
C ASP A 245 1.17 -14.88 11.35
N ALA A 246 0.45 -15.95 11.71
CA ALA A 246 -0.22 -16.81 10.75
C ALA A 246 -1.35 -16.07 10.05
N LEU A 247 -2.05 -15.18 10.76
CA LEU A 247 -3.16 -14.45 10.20
C LEU A 247 -2.72 -13.22 9.40
N TRP A 248 -1.62 -12.59 9.80
CA TRP A 248 -1.23 -11.32 9.21
C TRP A 248 -0.29 -11.56 8.03
N ASN A 249 0.71 -12.43 8.25
CA ASN A 249 1.76 -12.65 7.26
C ASN A 249 1.45 -13.86 6.40
N ARG A 250 1.30 -15.03 7.01
CA ARG A 250 1.25 -16.26 6.26
C ARG A 250 -0.04 -16.41 5.46
N LEU A 251 -1.15 -15.90 6.01
CA LEU A 251 -2.44 -16.04 5.39
C LEU A 251 -2.41 -15.43 3.98
N PHE A 252 -1.55 -14.42 3.76
CA PHE A 252 -1.52 -13.66 2.53
C PHE A 252 -0.29 -14.02 1.70
N ALA A 253 0.82 -14.41 2.34
CA ALA A 253 1.99 -14.81 1.55
C ALA A 253 1.96 -16.28 1.12
N ASP A 254 1.53 -17.18 2.03
CA ASP A 254 1.54 -18.60 1.73
C ASP A 254 0.73 -18.88 0.46
N PRO A 255 -0.51 -18.36 0.29
CA PRO A 255 -1.27 -18.70 -0.92
C PRO A 255 -0.61 -18.19 -2.19
N VAL A 256 -0.06 -16.97 -2.16
CA VAL A 256 0.55 -16.37 -3.33
C VAL A 256 1.85 -17.10 -3.71
N LEU A 257 2.68 -17.43 -2.72
CA LEU A 257 4.03 -17.89 -2.98
C LEU A 257 4.11 -19.41 -2.89
N LEU A 258 3.24 -20.07 -2.14
CA LEU A 258 3.34 -21.54 -2.03
C LEU A 258 2.09 -22.22 -2.59
N GLY A 259 1.03 -21.48 -2.85
CA GLY A 259 -0.21 -22.08 -3.29
C GLY A 259 -0.89 -22.95 -2.23
N ARG A 260 -0.74 -22.59 -0.95
CA ARG A 260 -1.49 -23.19 0.16
C ARG A 260 -1.79 -22.14 1.24
N TYR A 261 -2.82 -22.40 2.07
CA TYR A 261 -3.14 -21.61 3.24
C TYR A 261 -2.39 -22.18 4.44
N PRO A 262 -2.12 -21.36 5.49
CA PRO A 262 -1.57 -21.90 6.72
C PRO A 262 -2.51 -22.98 7.28
N ASP A 263 -1.96 -23.87 8.11
CA ASP A 263 -2.66 -25.05 8.59
C ASP A 263 -3.97 -24.62 9.25
N GLY A 264 -5.06 -25.26 8.85
CA GLY A 264 -6.37 -25.02 9.45
C GLY A 264 -7.24 -24.05 8.63
N ILE A 265 -6.61 -23.19 7.79
CA ILE A 265 -7.32 -22.05 7.24
C ILE A 265 -8.10 -22.46 6.01
N ALA A 266 -7.55 -23.35 5.18
CA ALA A 266 -8.27 -23.73 3.96
C ALA A 266 -9.68 -24.24 4.30
N ASP A 267 -9.80 -25.02 5.38
CA ASP A 267 -11.06 -25.65 5.76
C ASP A 267 -12.08 -24.63 6.27
N ALA A 268 -11.66 -23.37 6.45
CA ALA A 268 -12.53 -22.31 6.93
C ALA A 268 -12.89 -21.33 5.81
N MET A 269 -12.51 -21.64 4.56
CA MET A 269 -12.66 -20.72 3.45
C MET A 269 -13.78 -21.23 2.57
N PRO A 270 -14.57 -20.32 1.96
CA PRO A 270 -15.66 -20.73 1.09
C PRO A 270 -15.25 -21.00 -0.36
N GLY A 271 -15.99 -21.86 -1.04
CA GLY A 271 -15.86 -22.01 -2.47
C GLY A 271 -14.93 -23.18 -2.79
N PRO A 272 -14.59 -23.38 -4.08
CA PRO A 272 -13.63 -24.41 -4.47
C PRO A 272 -12.20 -24.00 -4.14
N VAL A 273 -11.80 -24.18 -2.88
CA VAL A 273 -10.59 -23.58 -2.32
C VAL A 273 -9.35 -24.08 -3.06
N ALA A 274 -9.22 -25.40 -3.25
CA ALA A 274 -8.12 -25.98 -4.02
C ALA A 274 -7.97 -25.32 -5.40
N GLU A 275 -9.07 -25.20 -6.15
CA GLU A 275 -9.03 -24.58 -7.47
C GLU A 275 -8.68 -23.09 -7.38
N ASP A 276 -9.26 -22.41 -6.38
CA ASP A 276 -8.99 -20.99 -6.15
C ASP A 276 -7.50 -20.78 -5.89
N LEU A 277 -6.84 -21.68 -5.15
CA LEU A 277 -5.43 -21.51 -4.82
C LEU A 277 -4.55 -21.58 -6.06
N LEU A 278 -4.98 -22.35 -7.09
CA LEU A 278 -4.29 -22.35 -8.37
C LEU A 278 -4.38 -20.96 -9.01
N THR A 279 -5.56 -20.33 -8.92
CA THR A 279 -5.76 -18.99 -9.46
C THR A 279 -4.95 -17.95 -8.66
N ILE A 280 -4.94 -18.09 -7.34
CA ILE A 280 -4.25 -17.14 -6.48
C ILE A 280 -2.73 -17.16 -6.75
N ALA A 281 -2.15 -18.34 -6.99
CA ALA A 281 -0.71 -18.52 -7.03
C ALA A 281 -0.11 -18.26 -8.41
N GLN A 282 -0.56 -17.21 -9.10
CA GLN A 282 0.01 -16.84 -10.37
C GLN A 282 1.48 -16.49 -10.18
N PRO A 283 2.40 -16.93 -11.07
CA PRO A 283 3.80 -16.52 -11.00
C PRO A 283 3.92 -15.00 -11.04
N LEU A 284 4.75 -14.44 -10.14
CA LEU A 284 4.95 -13.01 -10.07
C LEU A 284 6.37 -12.63 -10.52
N ASP A 285 6.53 -11.38 -10.97
CA ASP A 285 7.83 -10.82 -11.37
C ASP A 285 8.57 -10.28 -10.15
N PHE A 286 7.82 -9.79 -9.17
CA PHE A 286 8.40 -9.26 -7.93
C PHE A 286 7.43 -9.55 -6.81
N TYR A 287 7.91 -9.53 -5.58
CA TYR A 287 7.08 -9.61 -4.40
C TYR A 287 7.22 -8.27 -3.70
N GLY A 288 6.12 -7.55 -3.60
CA GLY A 288 6.15 -6.24 -3.01
C GLY A 288 5.72 -6.29 -1.56
N LEU A 289 6.50 -5.67 -0.67
CA LEU A 289 5.97 -5.55 0.67
C LEU A 289 6.11 -4.15 1.27
N ASN A 290 5.15 -3.86 2.14
CA ASN A 290 5.08 -2.61 2.90
C ASN A 290 5.53 -2.92 4.33
N TYR A 291 6.53 -2.20 4.80
CA TYR A 291 7.10 -2.44 6.12
C TYR A 291 7.10 -1.12 6.83
N TYR A 292 6.66 -1.11 8.10
CA TYR A 292 6.79 0.07 8.96
C TYR A 292 7.55 -0.29 10.25
N ASN A 293 7.18 -1.39 10.92
CA ASN A 293 7.79 -1.76 12.19
C ASN A 293 7.30 -3.11 12.66
N PRO A 294 8.00 -3.73 13.63
CA PRO A 294 7.52 -4.98 14.20
C PRO A 294 6.23 -4.71 14.96
N GLN A 295 5.44 -5.77 15.10
CA GLN A 295 4.19 -5.74 15.82
C GLN A 295 4.30 -6.55 17.11
N GLY A 296 3.91 -5.96 18.24
CA GLY A 296 3.88 -6.68 19.51
C GLY A 296 2.53 -7.33 19.73
N VAL A 297 2.53 -8.55 20.31
CA VAL A 297 1.30 -9.30 20.50
C VAL A 297 1.34 -10.00 21.86
N ARG A 298 0.15 -10.08 22.51
CA ARG A 298 -0.03 -10.78 23.78
C ARG A 298 -1.33 -11.59 23.74
N PRO A 307 -8.86 -12.91 20.68
CA PRO A 307 -7.89 -14.01 20.88
C PRO A 307 -6.43 -13.59 20.95
N PHE A 308 -6.14 -12.33 20.58
CA PHE A 308 -4.82 -11.73 20.73
C PHE A 308 -5.04 -10.24 20.87
N ASP A 309 -4.05 -9.54 21.44
CA ASP A 309 -4.07 -8.09 21.49
C ASP A 309 -2.75 -7.56 20.95
N VAL A 310 -2.86 -6.58 20.08
CA VAL A 310 -1.70 -5.99 19.44
C VAL A 310 -1.33 -4.71 20.19
N ALA A 311 -0.04 -4.59 20.52
CA ALA A 311 0.50 -3.42 21.18
C ALA A 311 1.89 -3.14 20.64
N ALA A 312 2.39 -1.92 20.90
CA ALA A 312 3.70 -1.48 20.44
C ALA A 312 4.81 -2.27 21.16
N VAL A 313 5.85 -2.70 20.43
CA VAL A 313 6.99 -3.31 21.09
C VAL A 313 7.70 -2.23 21.92
N PRO A 314 8.03 -2.49 23.21
CA PRO A 314 8.71 -1.50 24.06
C PRO A 314 10.19 -1.38 23.70
N GLY A 315 10.82 -0.31 24.20
CA GLY A 315 12.27 -0.16 24.20
C GLY A 315 12.79 0.68 23.04
N TYR A 316 11.92 1.05 22.10
CA TYR A 316 12.31 1.77 20.89
C TYR A 316 11.83 3.20 20.95
N PRO A 317 12.55 4.15 20.33
CA PRO A 317 11.99 5.47 20.09
C PRO A 317 10.78 5.33 19.16
N THR A 318 9.89 6.34 19.18
CA THR A 318 8.63 6.24 18.47
C THR A 318 8.46 7.44 17.56
N THR A 319 7.75 7.25 16.45
CA THR A 319 7.39 8.36 15.57
C THR A 319 6.27 9.17 16.21
N ASP A 320 5.83 10.25 15.55
CA ASP A 320 4.64 11.00 15.99
C ASP A 320 3.36 10.18 15.98
N PHE A 321 3.33 9.01 15.30
CA PHE A 321 2.18 8.15 15.34
C PHE A 321 2.25 7.17 16.53
N GLY A 322 3.31 7.24 17.33
CA GLY A 322 3.52 6.31 18.44
C GLY A 322 4.08 4.95 17.98
N TRP A 323 4.55 4.85 16.72
CA TRP A 323 5.07 3.61 16.17
C TRP A 323 6.55 3.45 16.48
N PRO A 324 7.01 2.23 16.85
CA PRO A 324 8.43 1.96 17.03
C PRO A 324 9.28 2.23 15.79
N VAL A 325 10.45 2.83 16.00
CA VAL A 325 11.48 2.93 14.97
C VAL A 325 12.47 1.80 15.19
N ALA A 326 12.38 0.78 14.33
CA ALA A 326 13.10 -0.46 14.53
C ALA A 326 13.56 -0.98 13.18
N PRO A 327 14.56 -0.31 12.55
CA PRO A 327 15.04 -0.71 11.23
C PRO A 327 15.53 -2.16 11.14
N SER A 328 16.10 -2.70 12.24
CA SER A 328 16.58 -4.07 12.28
C SER A 328 15.45 -5.06 12.02
N GLY A 329 14.20 -4.66 12.31
CA GLY A 329 13.08 -5.52 12.01
C GLY A 329 12.88 -5.76 10.50
N LEU A 330 13.29 -4.78 9.68
CA LEU A 330 13.24 -4.93 8.22
C LEU A 330 14.25 -5.97 7.76
N THR A 331 15.47 -5.90 8.27
CA THR A 331 16.46 -6.92 7.94
C THR A 331 15.92 -8.28 8.37
N ASP A 332 15.43 -8.36 9.61
CA ASP A 332 14.96 -9.62 10.14
C ASP A 332 13.83 -10.18 9.28
N LEU A 333 12.90 -9.31 8.88
CA LEU A 333 11.78 -9.70 8.04
C LEU A 333 12.24 -10.25 6.67
N LEU A 334 13.11 -9.51 6.00
CA LEU A 334 13.55 -9.87 4.67
C LEU A 334 14.29 -11.20 4.68
N VAL A 335 15.09 -11.43 5.73
CA VAL A 335 15.74 -12.71 5.95
C VAL A 335 14.72 -13.82 6.19
N GLU A 336 13.74 -13.59 7.08
CA GLU A 336 12.76 -14.60 7.43
C GLU A 336 11.92 -14.93 6.21
N MET A 337 11.55 -13.94 5.39
CA MET A 337 10.72 -14.18 4.20
C MET A 337 11.44 -15.10 3.23
N THR A 338 12.75 -14.89 3.07
CA THR A 338 13.56 -15.65 2.16
C THR A 338 13.69 -17.10 2.67
N GLU A 339 13.72 -17.28 3.98
CA GLU A 339 13.75 -18.60 4.60
C GLU A 339 12.43 -19.34 4.38
N ARG A 340 11.31 -18.64 4.61
CA ARG A 340 10.00 -19.25 4.47
C ARG A 340 9.66 -19.56 3.01
N TYR A 341 10.13 -18.74 2.07
CA TYR A 341 9.74 -18.79 0.67
C TYR A 341 10.99 -18.73 -0.19
N PRO A 342 11.76 -19.84 -0.31
CA PRO A 342 13.01 -19.80 -1.07
C PRO A 342 12.88 -19.40 -2.53
N GLN A 343 11.72 -19.64 -3.16
CA GLN A 343 11.50 -19.26 -4.54
C GLN A 343 10.89 -17.86 -4.67
N ILE A 344 10.94 -17.06 -3.60
CA ILE A 344 10.33 -15.75 -3.65
C ILE A 344 11.03 -14.94 -4.74
N PRO A 345 10.27 -14.25 -5.62
CA PRO A 345 10.88 -13.44 -6.66
C PRO A 345 11.63 -12.25 -6.07
N PRO A 346 12.34 -11.43 -6.89
CA PRO A 346 12.93 -10.19 -6.38
C PRO A 346 11.94 -9.37 -5.55
N ILE A 347 12.39 -8.84 -4.41
CA ILE A 347 11.58 -8.07 -3.48
C ILE A 347 11.75 -6.58 -3.76
N LEU A 348 10.60 -5.88 -3.87
CA LEU A 348 10.57 -4.43 -3.82
C LEU A 348 9.87 -4.04 -2.52
N ILE A 349 10.48 -3.06 -1.79
CA ILE A 349 9.83 -2.41 -0.67
C ILE A 349 8.90 -1.35 -1.26
N THR A 350 7.59 -1.69 -1.34
CA THR A 350 6.61 -0.85 -2.02
C THR A 350 6.14 0.30 -1.13
N GLU A 351 6.41 0.22 0.18
CA GLU A 351 6.20 1.32 1.11
C GLU A 351 7.11 1.13 2.35
N ASN A 352 7.71 2.25 2.71
CA ASN A 352 8.31 2.46 4.01
C ASN A 352 8.33 3.96 4.29
N GLY A 353 8.04 4.35 5.53
CA GLY A 353 8.06 5.76 5.93
C GLY A 353 7.61 5.98 7.36
N CYS A 354 7.45 7.26 7.72
CA CYS A 354 7.25 7.67 9.09
C CYS A 354 6.49 9.00 9.18
N SER A 355 5.65 9.07 10.24
CA SER A 355 4.90 10.24 10.66
C SER A 355 5.73 11.11 11.59
N TYR A 356 5.94 12.36 11.17
CA TYR A 356 6.64 13.41 11.89
C TYR A 356 6.01 14.72 11.42
N GLY A 357 5.59 15.56 12.35
CA GLY A 357 4.60 16.59 12.06
C GLY A 357 5.18 17.95 11.72
N MET A 358 6.50 18.09 11.60
CA MET A 358 7.05 19.43 11.41
C MET A 358 6.60 20.02 10.07
N GLY A 359 6.38 21.32 10.12
CA GLY A 359 5.98 22.11 8.97
C GLY A 359 6.95 23.27 8.79
N PRO A 360 6.67 24.17 7.84
CA PRO A 360 7.62 25.19 7.46
C PRO A 360 7.80 26.16 8.63
N ASP A 361 9.04 26.54 8.89
CA ASP A 361 9.38 27.49 9.93
C ASP A 361 9.24 28.90 9.33
N ALA A 362 9.60 29.90 10.15
CA ALA A 362 9.49 31.28 9.74
C ALA A 362 10.18 31.54 8.41
N ASP A 363 11.23 30.79 8.07
CA ASP A 363 11.95 31.01 6.81
C ASP A 363 11.47 30.08 5.69
N GLY A 364 10.45 29.24 5.94
CA GLY A 364 9.90 28.38 4.90
C GLY A 364 10.62 27.04 4.78
N VAL A 365 11.45 26.72 5.79
CA VAL A 365 12.22 25.48 5.78
C VAL A 365 11.48 24.47 6.65
N VAL A 366 11.42 23.22 6.18
CA VAL A 366 10.88 22.15 7.00
C VAL A 366 12.02 21.22 7.38
N ASP A 367 12.55 21.39 8.59
CA ASP A 367 13.67 20.60 9.05
C ASP A 367 13.15 19.29 9.64
N ASP A 368 13.00 18.24 8.84
CA ASP A 368 12.46 16.98 9.32
C ASP A 368 13.56 15.92 9.50
N GLN A 369 14.64 16.27 10.22
CA GLN A 369 15.78 15.39 10.42
C GLN A 369 15.34 14.03 10.98
N PRO A 370 14.30 13.90 11.84
CA PRO A 370 13.88 12.57 12.27
C PRO A 370 13.43 11.65 11.13
N ARG A 371 12.80 12.23 10.11
CA ARG A 371 12.42 11.46 8.93
C ARG A 371 13.68 11.01 8.17
N ILE A 372 14.69 11.90 8.07
CA ILE A 372 15.94 11.52 7.42
C ILE A 372 16.55 10.32 8.14
N ASP A 373 16.64 10.43 9.47
CA ASP A 373 17.21 9.36 10.28
C ASP A 373 16.48 8.04 10.04
N TYR A 374 15.15 8.07 10.00
CA TYR A 374 14.35 6.86 9.81
C TYR A 374 14.67 6.25 8.44
N LEU A 375 14.63 7.07 7.38
CA LEU A 375 14.76 6.52 6.05
C LEU A 375 16.19 6.01 5.85
N ASP A 376 17.18 6.77 6.33
CA ASP A 376 18.57 6.36 6.28
C ASP A 376 18.75 4.97 6.90
N SER A 377 18.23 4.80 8.12
CA SER A 377 18.43 3.56 8.85
C SER A 377 17.72 2.39 8.14
N HIS A 378 16.56 2.64 7.54
CA HIS A 378 15.85 1.59 6.84
C HIS A 378 16.61 1.20 5.56
N LEU A 379 17.15 2.18 4.84
CA LEU A 379 17.98 1.84 3.67
C LEU A 379 19.18 0.99 4.09
N GLY A 380 19.80 1.36 5.21
CA GLY A 380 20.86 0.55 5.75
C GLY A 380 20.37 -0.87 6.08
N ALA A 381 19.15 -1.00 6.62
CA ALA A 381 18.63 -2.31 6.95
C ALA A 381 18.40 -3.13 5.67
N VAL A 382 18.02 -2.48 4.57
CA VAL A 382 17.91 -3.21 3.29
C VAL A 382 19.29 -3.69 2.84
N ALA A 383 20.30 -2.81 2.87
CA ALA A 383 21.68 -3.18 2.55
C ALA A 383 22.18 -4.36 3.37
N ASP A 384 21.83 -4.43 4.68
CA ASP A 384 22.22 -5.52 5.56
C ASP A 384 21.61 -6.85 5.13
N ALA A 385 20.35 -6.86 4.69
CA ALA A 385 19.71 -8.06 4.18
C ALA A 385 20.34 -8.46 2.84
N VAL A 386 20.59 -7.48 1.97
CA VAL A 386 21.27 -7.78 0.71
C VAL A 386 22.60 -8.51 0.96
N ALA A 387 23.33 -8.05 2.00
CA ALA A 387 24.63 -8.58 2.34
C ALA A 387 24.53 -10.01 2.84
N ARG A 388 23.32 -10.45 3.18
CA ARG A 388 23.10 -11.81 3.62
C ARG A 388 22.45 -12.66 2.53
N GLY A 389 22.37 -12.11 1.32
CA GLY A 389 21.88 -12.86 0.17
C GLY A 389 20.40 -12.69 -0.15
N VAL A 390 19.75 -11.69 0.48
CA VAL A 390 18.35 -11.38 0.15
C VAL A 390 18.31 -10.56 -1.11
N ASP A 391 17.55 -10.99 -2.12
CA ASP A 391 17.48 -10.29 -3.38
C ASP A 391 16.40 -9.21 -3.30
N VAL A 392 16.82 -8.00 -2.94
CA VAL A 392 15.95 -6.82 -2.88
C VAL A 392 16.38 -5.87 -3.99
N ARG A 393 15.42 -5.34 -4.76
CA ARG A 393 15.70 -4.63 -6.00
C ARG A 393 15.25 -3.16 -5.95
N GLY A 394 14.49 -2.76 -4.93
CA GLY A 394 14.10 -1.36 -4.84
C GLY A 394 13.38 -0.99 -3.54
N TYR A 395 13.18 0.31 -3.39
CA TYR A 395 12.57 0.90 -2.19
C TYR A 395 11.75 2.13 -2.57
N TYR A 396 10.48 2.16 -2.11
CA TYR A 396 9.55 3.23 -2.39
C TYR A 396 9.13 3.86 -1.07
N CYS A 397 9.48 5.15 -0.90
CA CYS A 397 9.17 5.95 0.27
C CYS A 397 7.68 6.35 0.34
N TRP A 398 7.01 5.96 1.44
CA TRP A 398 5.69 6.52 1.76
C TRP A 398 5.91 7.78 2.57
N SER A 399 5.62 8.98 2.03
CA SER A 399 4.95 9.22 0.75
C SER A 399 5.69 10.39 0.10
N LEU A 400 5.40 10.66 -1.17
CA LEU A 400 5.82 11.90 -1.79
C LEU A 400 5.26 13.08 -1.00
N LEU A 401 3.98 13.00 -0.63
CA LEU A 401 3.21 14.13 -0.14
C LEU A 401 2.65 13.85 1.24
N ASP A 402 2.60 14.88 2.11
CA ASP A 402 1.68 14.77 3.22
C ASP A 402 0.28 14.54 2.67
N ASN A 403 -0.52 13.68 3.34
CA ASN A 403 -1.80 13.34 2.77
C ASN A 403 -2.82 12.93 3.83
N PHE A 404 -4.01 12.56 3.39
CA PHE A 404 -5.07 12.12 4.29
C PHE A 404 -4.78 10.70 4.81
N GLU A 405 -4.47 10.57 6.09
CA GLU A 405 -4.10 9.30 6.70
C GLU A 405 -5.35 8.65 7.30
N TRP A 406 -6.31 8.32 6.43
CA TRP A 406 -7.39 7.44 6.77
C TRP A 406 -8.09 7.96 8.03
N ALA A 407 -8.33 7.10 9.04
CA ALA A 407 -9.11 7.51 10.20
C ALA A 407 -8.38 8.54 11.06
N ASP A 408 -7.09 8.84 10.77
CA ASP A 408 -6.34 9.85 11.52
C ASP A 408 -6.31 11.19 10.78
N GLY A 409 -7.00 11.23 9.63
CA GLY A 409 -7.19 12.51 8.99
C GLY A 409 -5.87 13.17 8.63
N PHE A 410 -5.76 14.48 8.90
CA PHE A 410 -4.58 15.25 8.54
C PHE A 410 -3.62 15.37 9.72
N THR A 411 -3.76 14.53 10.73
CA THR A 411 -2.96 14.69 11.95
C THR A 411 -1.60 13.97 11.84
N GLN A 412 -1.41 13.12 10.80
CA GLN A 412 -0.16 12.36 10.69
C GLN A 412 0.47 12.65 9.34
N ARG A 413 1.64 13.32 9.33
CA ARG A 413 2.31 13.71 8.10
C ARG A 413 3.43 12.73 7.75
N PHE A 414 3.34 12.10 6.57
CA PHE A 414 4.31 11.13 6.08
C PHE A 414 5.17 11.64 4.92
N GLY A 415 4.97 12.89 4.50
CA GLY A 415 5.52 13.36 3.23
C GLY A 415 7.02 13.67 3.24
N LEU A 416 7.65 13.49 2.03
CA LEU A 416 8.88 14.16 1.67
C LEU A 416 8.63 15.63 1.36
N VAL A 417 7.37 15.93 1.05
CA VAL A 417 6.92 17.24 0.61
C VAL A 417 5.78 17.65 1.53
N HIS A 418 5.92 18.82 2.16
CA HIS A 418 4.91 19.35 3.05
C HIS A 418 3.78 19.90 2.19
N VAL A 419 2.55 19.64 2.65
CA VAL A 419 1.37 20.20 2.02
C VAL A 419 0.58 20.98 3.08
N ASP A 420 0.35 22.26 2.80
CA ASP A 420 -0.57 23.08 3.57
C ASP A 420 -1.97 22.86 3.02
N TYR A 421 -2.88 22.33 3.83
CA TYR A 421 -4.18 21.92 3.31
C TYR A 421 -5.09 23.11 3.05
N ASP A 422 -4.74 24.30 3.56
CA ASP A 422 -5.53 25.48 3.26
C ASP A 422 -5.08 26.14 1.96
N THR A 423 -3.77 26.34 1.76
CA THR A 423 -3.31 27.02 0.55
C THR A 423 -2.94 26.04 -0.57
N LEU A 424 -2.72 24.77 -0.22
CA LEU A 424 -2.33 23.68 -1.13
C LEU A 424 -0.91 23.85 -1.65
N VAL A 425 -0.12 24.75 -1.02
CA VAL A 425 1.29 24.92 -1.33
C VAL A 425 2.07 23.66 -0.93
N ARG A 426 2.93 23.22 -1.85
CA ARG A 426 3.92 22.18 -1.62
C ARG A 426 5.25 22.81 -1.23
N THR A 427 5.86 22.29 -0.15
CA THR A 427 7.19 22.66 0.27
C THR A 427 8.01 21.40 0.46
N PRO A 428 9.02 21.12 -0.40
CA PRO A 428 9.92 20.01 -0.19
C PRO A 428 10.64 20.15 1.15
N LYS A 429 10.64 19.06 1.93
CA LYS A 429 11.24 19.07 3.25
C LYS A 429 12.74 18.77 3.09
N ARG A 430 13.48 18.83 4.19
CA ARG A 430 14.90 18.51 4.13
C ARG A 430 15.10 17.08 3.59
N SER A 431 14.24 16.17 4.00
CA SER A 431 14.26 14.78 3.59
C SER A 431 14.17 14.61 2.07
N PHE A 432 13.41 15.47 1.39
CA PHE A 432 13.32 15.50 -0.06
C PHE A 432 14.72 15.70 -0.64
N ASP A 433 15.44 16.71 -0.12
CA ASP A 433 16.77 17.07 -0.61
C ASP A 433 17.80 15.97 -0.29
N TRP A 434 17.67 15.37 0.91
CA TRP A 434 18.46 14.24 1.32
C TRP A 434 18.28 13.04 0.36
N TYR A 435 17.03 12.72 0.06
CA TYR A 435 16.68 11.54 -0.73
C TYR A 435 17.22 11.76 -2.16
N ALA A 436 17.03 12.96 -2.69
CA ALA A 436 17.51 13.28 -4.02
C ALA A 436 19.03 13.07 -4.11
N ASP A 437 19.75 13.45 -3.05
CA ASP A 437 21.19 13.27 -2.98
C ASP A 437 21.61 11.80 -2.92
N VAL A 438 20.90 11.00 -2.13
CA VAL A 438 21.16 9.57 -2.03
C VAL A 438 20.99 8.93 -3.42
N ILE A 439 19.94 9.33 -4.13
CA ILE A 439 19.61 8.69 -5.38
C ILE A 439 20.70 9.03 -6.38
N ARG A 440 21.09 10.30 -6.42
CA ARG A 440 22.19 10.76 -7.27
C ARG A 440 23.49 10.02 -6.96
N ALA A 441 23.86 9.94 -5.66
CA ALA A 441 25.10 9.30 -5.25
C ALA A 441 25.14 7.84 -5.72
N HIS A 442 24.01 7.17 -5.69
CA HIS A 442 23.96 5.73 -5.98
C HIS A 442 24.11 5.51 -7.48
N ARG A 443 23.66 6.43 -8.32
CA ARG A 443 23.77 6.25 -9.76
C ARG A 443 25.25 6.30 -10.16
#